data_1XOS
#
_entry.id   1XOS
#
_cell.length_a   94.571
_cell.length_b   107.117
_cell.length_c   89.481
_cell.angle_alpha   90.00
_cell.angle_beta   90.00
_cell.angle_gamma   90.00
#
_symmetry.space_group_name_H-M   'I 21 21 21'
#
loop_
_entity.id
_entity.type
_entity.pdbx_description
1 polymer "cAMP-specific 3',5'-cyclic phosphodiesterase 4B"
2 non-polymer 'ZINC ION'
3 non-polymer 'MAGNESIUM ION'
4 non-polymer 'SULFATE ION'
5 non-polymer 5-{2-ETHOXY-5-[(4-METHYLPIPERAZIN-1-YL)SULFONYL]PHENYL}-1-METHYL-3-PROPYL-1H,6H,7H-PYRAZOLO[4,3-D]PYRIMIDIN-7-ONE
6 water water
#
_entity_poly.entity_id   1
_entity_poly.type   'polypeptide(L)'
_entity_poly.pdbx_seq_one_letter_code
;MGSSHHHHHHSSGLVPRGSHMSISRFGVNTENEDHLAKELEDLNKWGLNIFNVAGYSHNRPLT(CME)IMYAIFQERDLL
KTFRISSDTFITYMMTLEDHYHSDVAYHNSLHAADVAQSTHVLLSTPALDAVFTDLEILAAIFAAAIHDVDHPGVSNQFL
INTNSELALMYNDESVLENHHLAVGFKLLQEEH(CME)DIFMNLTKKQRQTLRKMVIDMVLATDMSKHMSLLADLKTMVE
TKKVTSSGVLLLDNYTDRIQVLRNMVHCADLSNPTKSLELYRQWTDRIMEEFFQQGDKERERGMEISPM(CME)DKHTAS
VEKSQVGFIDYIVHPLWETWADLVQPDAQDILDTLEDNRNWYQSMIPQSPSPPLDEQNRDCQGLMEKFQFELTLDEEDSE
GPEKEGEGHS
;
_entity_poly.pdbx_strand_id   A
#
loop_
_chem_comp.id
_chem_comp.type
_chem_comp.name
_chem_comp.formula
MG non-polymer 'MAGNESIUM ION' 'Mg 2'
SO4 non-polymer 'SULFATE ION' 'O4 S -2'
VIA non-polymer 5-{2-ETHOXY-5-[(4-METHYLPIPERAZIN-1-YL)SULFONYL]PHENYL}-1-METHYL-3-PROPYL-1H,6H,7H-PYRAZOLO[4,3-D]PYRIMIDIN-7-ONE 'C22 H30 N6 O4 S'
ZN non-polymer 'ZINC ION' 'Zn 2'
#
# COMPACT_ATOMS: atom_id res chain seq x y z
N ASN A 32 -15.33 23.78 -1.17
CA ASN A 32 -14.26 22.76 -0.98
C ASN A 32 -14.43 22.09 0.36
N GLU A 33 -15.66 21.62 0.62
CA GLU A 33 -16.03 20.91 1.86
C GLU A 33 -17.25 19.98 1.68
N ASP A 34 -18.18 20.44 0.86
CA ASP A 34 -19.29 19.60 0.42
C ASP A 34 -18.76 18.67 -0.65
N HIS A 35 -17.89 19.18 -1.54
CA HIS A 35 -17.21 18.35 -2.54
C HIS A 35 -16.49 17.16 -1.89
N LEU A 36 -15.80 17.43 -0.77
CA LEU A 36 -15.13 16.41 0.03
C LEU A 36 -16.09 15.31 0.52
N ALA A 37 -17.23 15.72 1.08
CA ALA A 37 -18.24 14.74 1.50
C ALA A 37 -18.77 13.96 0.28
N LYS A 38 -18.95 14.64 -0.84
CA LYS A 38 -19.43 13.97 -2.04
C LYS A 38 -18.42 12.89 -2.44
N GLU A 39 -17.14 13.22 -2.44
CA GLU A 39 -16.12 12.27 -2.82
C GLU A 39 -16.04 11.11 -1.79
N LEU A 40 -16.35 11.38 -0.53
CA LEU A 40 -16.23 10.35 0.52
C LEU A 40 -17.31 9.29 0.51
N GLU A 41 -18.39 9.51 -0.23
CA GLU A 41 -19.45 8.51 -0.41
C GLU A 41 -18.92 7.24 -1.06
N ASP A 42 -17.88 7.38 -1.87
CA ASP A 42 -17.21 6.23 -2.46
C ASP A 42 -16.07 5.65 -1.58
N LEU A 43 -16.10 5.91 -0.27
CA LEU A 43 -15.09 5.36 0.66
C LEU A 43 -14.92 3.86 0.54
N ASN A 44 -16.03 3.15 0.40
CA ASN A 44 -16.02 1.71 0.39
C ASN A 44 -15.93 1.15 -1.00
N LYS A 45 -15.63 1.99 -1.99
CA LYS A 45 -15.55 1.58 -3.39
C LYS A 45 -14.14 1.68 -3.99
N TRP A 46 -13.77 0.72 -4.83
CA TRP A 46 -12.55 0.81 -5.61
C TRP A 46 -12.42 2.13 -6.36
N GLY A 47 -13.56 2.75 -6.68
CA GLY A 47 -13.60 3.95 -7.51
C GLY A 47 -13.37 5.27 -6.79
N LEU A 48 -13.08 5.23 -5.50
CA LEU A 48 -12.75 6.46 -4.78
C LEU A 48 -11.64 7.20 -5.54
N ASN A 49 -11.74 8.51 -5.58
CA ASN A 49 -10.72 9.33 -6.19
C ASN A 49 -9.98 10.07 -5.06
N ILE A 50 -8.80 9.50 -4.71
CA ILE A 50 -7.93 10.02 -3.67
C ILE A 50 -7.28 11.37 -4.05
N PHE A 51 -7.13 11.64 -5.34
CA PHE A 51 -6.55 12.93 -5.75
C PHE A 51 -7.56 14.02 -5.49
N ASN A 52 -8.83 13.71 -5.72
CA ASN A 52 -9.92 14.63 -5.40
C ASN A 52 -10.03 14.87 -3.91
N VAL A 53 -9.92 13.84 -3.08
CA VAL A 53 -9.95 14.10 -1.62
C VAL A 53 -8.69 14.85 -1.13
N ALA A 54 -7.57 14.70 -1.82
CA ALA A 54 -6.36 15.42 -1.44
C ALA A 54 -6.59 16.89 -1.69
N GLY A 55 -7.20 17.23 -2.83
CA GLY A 55 -7.55 18.59 -3.17
C GLY A 55 -8.55 19.28 -2.24
N TYR A 56 -9.63 18.59 -1.88
CA TYR A 56 -10.66 19.16 -1.02
C TYR A 56 -10.35 18.97 0.48
N SER A 57 -9.16 18.53 0.85
CA SER A 57 -8.82 18.36 2.27
C SER A 57 -7.63 19.20 2.69
N HIS A 58 -7.29 20.20 1.89
CA HIS A 58 -6.15 21.08 2.20
C HIS A 58 -4.88 20.20 2.28
N ASN A 59 -4.79 19.29 1.31
CA ASN A 59 -3.64 18.41 1.12
C ASN A 59 -3.32 17.51 2.30
N ARG A 60 -4.36 17.03 2.98
CA ARG A 60 -4.24 16.00 4.01
C ARG A 60 -4.96 14.69 3.64
N PRO A 61 -4.66 14.10 2.49
CA PRO A 61 -5.40 12.91 2.04
C PRO A 61 -5.26 11.80 2.98
N LEU A 62 -4.10 11.58 3.60
CA LEU A 62 -3.94 10.45 4.53
C LEU A 62 -4.66 10.65 5.87
N THR A 63 -4.54 11.82 6.48
CA THR A 63 -5.25 12.07 7.74
C THR A 63 -6.74 11.84 7.59
N CME A 64 -7.44 12.64 6.80
CA CME A 64 -8.65 12.51 6.01
CB CME A 64 -8.83 13.36 4.80
SG CME A 64 -10.58 13.35 4.49
SD CME A 64 -11.54 14.36 5.99
CE CME A 64 -12.12 13.23 7.21
CZ CME A 64 -13.58 12.89 6.99
OH CME A 64 -14.07 12.06 7.74
C CME A 64 -9.11 11.09 5.80
O CME A 64 -9.86 10.61 6.60
N ILE A 65 -8.44 10.34 4.91
CA ILE A 65 -8.95 8.99 4.61
C ILE A 65 -8.86 8.02 5.77
N MET A 66 -7.91 8.23 6.66
CA MET A 66 -7.69 7.30 7.74
C MET A 66 -8.77 7.54 8.83
N TYR A 67 -9.12 8.79 9.06
CA TYR A 67 -10.20 9.13 9.97
C TYR A 67 -11.51 8.63 9.40
N ALA A 68 -11.70 8.77 8.07
CA ALA A 68 -12.93 8.32 7.44
C ALA A 68 -13.10 6.80 7.59
N ILE A 69 -12.05 6.05 7.35
CA ILE A 69 -12.04 4.59 7.47
C ILE A 69 -12.26 4.12 8.90
N PHE A 70 -11.61 4.79 9.85
CA PHE A 70 -11.71 4.34 11.25
C PHE A 70 -13.11 4.51 11.81
N GLN A 71 -13.77 5.61 11.45
CA GLN A 71 -15.17 5.85 11.73
C GLN A 71 -16.13 4.85 11.07
N GLU A 72 -15.98 4.68 9.76
CA GLU A 72 -16.75 3.70 9.01
C GLU A 72 -16.66 2.28 9.60
N ARG A 73 -15.56 1.90 10.23
CA ARG A 73 -15.43 0.57 10.86
C ARG A 73 -15.62 0.55 12.39
N ASP A 74 -15.88 1.71 12.96
CA ASP A 74 -16.08 1.86 14.40
C ASP A 74 -14.87 1.38 15.18
N LEU A 75 -13.70 1.76 14.70
CA LEU A 75 -12.45 1.34 15.31
C LEU A 75 -12.03 2.24 16.46
N LEU A 76 -12.33 3.54 16.36
CA LEU A 76 -12.04 4.47 17.46
C LEU A 76 -12.84 4.08 18.69
N LYS A 77 -14.03 3.54 18.48
CA LYS A 77 -14.82 3.07 19.63
C LYS A 77 -14.36 1.67 20.02
N THR A 78 -14.17 0.77 19.06
CA THR A 78 -13.81 -0.61 19.38
C THR A 78 -12.46 -0.74 20.10
N PHE A 79 -11.55 0.20 19.87
CA PHE A 79 -10.22 0.15 20.49
C PHE A 79 -9.96 1.39 21.36
N ARG A 80 -11.00 2.19 21.59
CA ARG A 80 -10.97 3.31 22.54
C ARG A 80 -9.87 4.34 22.21
N ILE A 81 -9.78 4.65 20.93
CA ILE A 81 -8.79 5.60 20.45
C ILE A 81 -9.46 6.96 20.52
N SER A 82 -8.86 7.84 21.32
CA SER A 82 -9.27 9.24 21.32
C SER A 82 -9.14 9.85 19.93
N SER A 83 -10.12 10.66 19.53
CA SER A 83 -10.16 11.25 18.22
C SER A 83 -9.04 12.25 18.02
N ASP A 84 -8.74 13.05 19.05
CA ASP A 84 -7.67 14.05 18.90
C ASP A 84 -6.28 13.37 18.91
N THR A 85 -6.16 12.27 19.62
CA THR A 85 -4.93 11.51 19.58
C THR A 85 -4.70 10.96 18.14
N PHE A 86 -5.74 10.36 17.59
CA PHE A 86 -5.69 9.85 16.24
C PHE A 86 -5.33 10.96 15.24
N ILE A 87 -5.99 12.11 15.32
CA ILE A 87 -5.73 13.17 14.35
C ILE A 87 -4.29 13.62 14.43
N THR A 88 -3.75 13.75 15.63
CA THR A 88 -2.39 14.28 15.80
C THR A 88 -1.30 13.30 15.35
N TYR A 89 -1.51 12.02 15.66
CA TYR A 89 -0.67 10.97 15.10
C TYR A 89 -0.64 10.99 13.59
N MET A 90 -1.84 11.00 12.98
CA MET A 90 -1.93 10.91 11.54
C MET A 90 -1.38 12.16 10.84
N MET A 91 -1.69 13.34 11.39
CA MET A 91 -1.13 14.56 10.84
C MET A 91 0.40 14.43 10.88
N THR A 92 0.94 13.99 12.01
CA THR A 92 2.39 13.79 12.11
C THR A 92 3.01 12.68 11.22
N LEU A 93 2.30 11.57 11.03
CA LEU A 93 2.81 10.50 10.17
C LEU A 93 2.82 11.01 8.72
N GLU A 94 1.73 11.64 8.33
CA GLU A 94 1.64 12.31 7.05
C GLU A 94 2.73 13.35 6.76
N ASP A 95 3.15 14.08 7.81
CA ASP A 95 4.22 15.09 7.72
C ASP A 95 5.59 14.48 7.48
N HIS A 96 5.73 13.22 7.83
CA HIS A 96 6.93 12.45 7.54
C HIS A 96 6.93 11.76 6.19
N TYR A 97 5.82 11.80 5.47
CA TYR A 97 5.89 11.53 4.02
C TYR A 97 6.33 12.78 3.25
N HIS A 98 7.34 12.64 2.43
CA HIS A 98 7.97 13.78 1.79
C HIS A 98 7.13 14.36 0.64
N SER A 99 6.76 15.63 0.76
CA SER A 99 6.01 16.34 -0.27
C SER A 99 6.73 16.39 -1.64
N ASP A 100 8.05 16.39 -1.61
CA ASP A 100 8.84 16.56 -2.84
C ASP A 100 9.17 15.27 -3.55
N VAL A 101 8.62 14.14 -3.14
CA VAL A 101 8.80 12.93 -3.93
C VAL A 101 7.49 12.70 -4.69
N ALA A 102 7.63 12.31 -5.95
CA ALA A 102 6.50 12.31 -6.89
C ALA A 102 5.46 11.24 -6.58
N TYR A 103 5.93 10.08 -6.17
CA TYR A 103 5.06 8.94 -5.97
C TYR A 103 4.87 8.60 -4.47
N HIS A 104 5.97 8.38 -3.75
CA HIS A 104 5.92 7.85 -2.39
C HIS A 104 5.71 8.98 -1.37
N ASN A 105 4.65 9.75 -1.57
CA ASN A 105 4.21 10.78 -0.63
C ASN A 105 2.94 10.25 0.04
N SER A 106 2.25 11.09 0.80
CA SER A 106 1.11 10.66 1.62
C SER A 106 -0.13 10.36 0.78
N LEU A 107 -0.24 10.89 -0.43
CA LEU A 107 -1.23 10.42 -1.40
C LEU A 107 -1.23 8.88 -1.66
N HIS A 108 -0.04 8.29 -1.77
CA HIS A 108 0.10 6.84 -1.99
C HIS A 108 -0.25 6.11 -0.71
N ALA A 109 0.16 6.59 0.47
CA ALA A 109 -0.18 5.86 1.69
C ALA A 109 -1.69 5.80 1.83
N ALA A 110 -2.33 6.93 1.51
CA ALA A 110 -3.77 7.08 1.57
C ALA A 110 -4.48 6.13 0.61
N ASP A 111 -4.01 6.08 -0.62
CA ASP A 111 -4.49 5.15 -1.64
C ASP A 111 -4.38 3.71 -1.15
N VAL A 112 -3.25 3.34 -0.55
CA VAL A 112 -3.02 1.96 -0.11
C VAL A 112 -3.89 1.62 1.14
N ALA A 113 -3.97 2.55 2.06
CA ALA A 113 -4.87 2.35 3.19
C ALA A 113 -6.32 2.12 2.73
N GLN A 114 -6.78 2.93 1.78
CA GLN A 114 -8.18 2.90 1.37
C GLN A 114 -8.42 1.66 0.51
N SER A 115 -7.47 1.30 -0.31
CA SER A 115 -7.55 0.11 -1.14
C SER A 115 -7.61 -1.16 -0.27
N THR A 116 -6.86 -1.16 0.83
CA THR A 116 -6.85 -2.26 1.79
C THR A 116 -8.20 -2.36 2.49
N HIS A 117 -8.71 -1.21 2.85
CA HIS A 117 -10.01 -1.09 3.46
C HIS A 117 -11.11 -1.75 2.61
N VAL A 118 -11.05 -1.53 1.31
CA VAL A 118 -12.00 -2.14 0.38
C VAL A 118 -11.78 -3.69 0.28
N LEU A 119 -10.55 -4.14 0.08
CA LEU A 119 -10.28 -5.58 -0.03
C LEU A 119 -10.64 -6.38 1.23
N LEU A 120 -10.60 -5.69 2.36
CA LEU A 120 -10.89 -6.29 3.66
C LEU A 120 -12.37 -6.62 3.74
N SER A 121 -13.17 -5.87 2.98
CA SER A 121 -14.61 -6.10 2.80
C SER A 121 -15.04 -7.07 1.69
N THR A 122 -14.12 -7.52 0.86
CA THR A 122 -14.41 -8.55 -0.15
C THR A 122 -15.31 -9.61 0.44
N PRO A 123 -16.46 -9.88 -0.18
CA PRO A 123 -17.45 -10.80 0.40
C PRO A 123 -16.88 -12.17 0.80
N ALA A 124 -15.93 -12.67 0.03
CA ALA A 124 -15.31 -13.94 0.31
C ALA A 124 -14.45 -13.97 1.58
N LEU A 125 -14.11 -12.80 2.15
CA LEU A 125 -13.38 -12.74 3.42
C LEU A 125 -14.23 -12.19 4.56
N ASP A 126 -15.55 -12.22 4.38
CA ASP A 126 -16.50 -11.54 5.29
C ASP A 126 -16.18 -11.56 6.79
N ALA A 127 -16.19 -12.74 7.40
CA ALA A 127 -16.11 -12.81 8.85
C ALA A 127 -14.77 -13.38 9.35
N VAL A 128 -13.77 -13.33 8.49
CA VAL A 128 -12.54 -14.12 8.63
C VAL A 128 -11.52 -13.52 9.63
N PHE A 129 -11.40 -12.20 9.65
CA PHE A 129 -10.37 -11.55 10.43
C PHE A 129 -10.97 -10.93 11.68
N THR A 130 -10.22 -11.00 12.78
CA THR A 130 -10.58 -10.28 13.99
C THR A 130 -10.52 -8.78 13.71
N ASP A 131 -11.13 -8.01 14.60
CA ASP A 131 -10.99 -6.56 14.54
C ASP A 131 -9.53 -6.13 14.73
N LEU A 132 -8.74 -6.90 15.48
CA LEU A 132 -7.33 -6.59 15.68
C LEU A 132 -6.57 -6.74 14.41
N GLU A 133 -6.86 -7.82 13.69
CA GLU A 133 -6.25 -8.06 12.40
C GLU A 133 -6.61 -6.95 11.40
N ILE A 134 -7.86 -6.48 11.45
CA ILE A 134 -8.34 -5.43 10.58
C ILE A 134 -7.63 -4.11 10.90
N LEU A 135 -7.53 -3.80 12.19
CA LEU A 135 -6.81 -2.61 12.65
C LEU A 135 -5.38 -2.59 12.12
N ALA A 136 -4.72 -3.75 12.23
CA ALA A 136 -3.33 -3.94 11.87
C ALA A 136 -3.09 -3.69 10.40
N ALA A 137 -3.96 -4.20 9.55
CA ALA A 137 -3.79 -4.12 8.14
C ALA A 137 -3.90 -2.68 7.68
N ILE A 138 -4.79 -1.94 8.30
CA ILE A 138 -5.07 -0.58 7.83
C ILE A 138 -3.95 0.38 8.31
N PHE A 139 -3.63 0.29 9.60
CA PHE A 139 -2.43 0.93 10.13
C PHE A 139 -1.14 0.65 9.35
N ALA A 140 -0.95 -0.60 8.92
CA ALA A 140 0.24 -0.97 8.12
C ALA A 140 0.26 -0.29 6.78
N ALA A 141 -0.87 -0.32 6.10
CA ALA A 141 -1.02 0.40 4.85
C ALA A 141 -0.66 1.91 5.00
N ALA A 142 -1.20 2.52 6.04
CA ALA A 142 -0.92 3.93 6.31
C ALA A 142 0.57 4.23 6.53
N ILE A 143 1.31 3.30 7.16
CA ILE A 143 2.72 3.58 7.46
C ILE A 143 3.76 2.96 6.50
N HIS A 144 3.30 2.11 5.58
CA HIS A 144 4.16 1.18 4.90
C HIS A 144 5.22 1.90 4.11
N ASP A 145 5.11 3.18 3.78
CA ASP A 145 6.18 3.87 3.04
C ASP A 145 6.63 5.18 3.66
N VAL A 146 6.39 5.32 4.96
CA VAL A 146 6.68 6.59 5.64
C VAL A 146 8.19 6.91 5.69
N ASP A 147 8.51 8.17 5.36
CA ASP A 147 9.85 8.70 5.26
C ASP A 147 10.65 8.17 4.04
N HIS A 148 9.94 7.77 3.01
CA HIS A 148 10.58 7.26 1.81
C HIS A 148 11.32 8.40 1.09
N PRO A 149 12.61 8.25 0.79
CA PRO A 149 13.44 9.29 0.18
C PRO A 149 13.25 9.46 -1.33
N GLY A 150 12.56 8.51 -1.95
CA GLY A 150 12.25 8.58 -3.36
C GLY A 150 13.26 7.86 -4.18
N VAL A 151 13.99 6.96 -3.52
CA VAL A 151 14.95 6.05 -4.19
C VAL A 151 14.78 4.64 -3.67
N SER A 152 15.22 3.68 -4.45
CA SER A 152 15.02 2.26 -4.12
C SER A 152 16.01 1.69 -3.10
N ASN A 153 15.67 0.52 -2.52
CA ASN A 153 16.62 -0.24 -1.71
C ASN A 153 17.98 -0.41 -2.43
N GLN A 154 17.97 -0.66 -3.74
CA GLN A 154 19.20 -0.92 -4.49
C GLN A 154 20.12 0.28 -4.60
N PHE A 155 19.55 1.44 -4.81
CA PHE A 155 20.31 2.69 -4.82
C PHE A 155 20.96 3.02 -3.48
N LEU A 156 20.21 2.83 -2.41
CA LEU A 156 20.68 3.14 -1.07
C LEU A 156 21.84 2.23 -0.74
N ILE A 157 21.71 0.95 -1.12
CA ILE A 157 22.77 -0.05 -0.95
C ILE A 157 24.02 0.26 -1.76
N ASN A 158 23.88 0.58 -3.05
CA ASN A 158 25.03 0.94 -3.92
C ASN A 158 25.63 2.33 -3.65
N THR A 159 25.02 3.18 -2.83
CA THR A 159 25.61 4.48 -2.48
C THR A 159 26.08 4.47 -1.06
N ASN A 160 26.05 3.31 -0.42
CA ASN A 160 26.51 3.19 0.95
C ASN A 160 25.80 4.14 1.92
N SER A 161 24.53 4.42 1.68
CA SER A 161 23.76 5.32 2.54
C SER A 161 23.76 4.89 3.97
N GLU A 162 23.59 5.86 4.86
CA GLU A 162 23.41 5.56 6.29
C GLU A 162 22.35 4.51 6.56
N LEU A 163 21.30 4.45 5.73
CA LEU A 163 20.20 3.51 5.95
C LEU A 163 20.57 2.07 5.64
N ALA A 164 21.30 1.85 4.55
CA ALA A 164 21.86 0.54 4.24
C ALA A 164 22.81 0.05 5.35
N LEU A 165 23.67 0.91 5.87
CA LEU A 165 24.50 0.55 7.01
C LEU A 165 23.70 0.19 8.27
N MET A 166 22.63 0.94 8.51
CA MET A 166 21.76 0.69 9.68
C MET A 166 21.21 -0.74 9.59
N TYR A 167 20.72 -1.09 8.39
CA TYR A 167 19.92 -2.28 8.13
C TYR A 167 20.61 -3.39 7.36
N ASN A 168 21.92 -3.25 7.15
CA ASN A 168 22.71 -4.34 6.62
C ASN A 168 22.15 -4.83 5.29
N ASP A 169 21.74 -3.89 4.45
CA ASP A 169 21.27 -4.16 3.09
C ASP A 169 19.97 -4.96 2.96
N GLU A 170 19.32 -5.26 4.08
CA GLU A 170 18.13 -6.12 4.05
C GLU A 170 16.87 -5.30 4.27
N SER A 171 16.01 -5.28 3.25
CA SER A 171 14.71 -4.60 3.36
C SER A 171 14.89 -3.26 4.04
N VAL A 172 15.84 -2.53 3.51
CA VAL A 172 16.33 -1.29 4.10
C VAL A 172 15.18 -0.35 4.37
N LEU A 173 14.47 0.03 3.31
CA LEU A 173 13.41 1.03 3.45
C LEU A 173 12.26 0.52 4.31
N GLU A 174 11.91 -0.75 4.17
CA GLU A 174 10.70 -1.29 4.77
C GLU A 174 10.85 -1.35 6.28
N ASN A 175 12.04 -1.76 6.71
CA ASN A 175 12.48 -1.69 8.10
C ASN A 175 12.42 -0.26 8.58
N HIS A 176 12.91 0.68 7.76
CA HIS A 176 12.87 2.11 8.17
C HIS A 176 11.46 2.61 8.38
N HIS A 177 10.56 2.29 7.43
CA HIS A 177 9.15 2.73 7.49
C HIS A 177 8.46 2.23 8.77
N LEU A 178 8.79 1.01 9.19
CA LEU A 178 8.25 0.42 10.40
C LEU A 178 8.83 1.13 11.60
N ALA A 179 10.11 1.50 11.52
CA ALA A 179 10.75 2.15 12.66
C ALA A 179 10.15 3.55 12.92
N VAL A 180 9.98 4.33 11.85
CA VAL A 180 9.41 5.66 11.93
C VAL A 180 7.97 5.59 12.44
N GLY A 181 7.20 4.65 11.91
CA GLY A 181 5.81 4.50 12.28
C GLY A 181 5.60 4.19 13.73
N PHE A 182 6.46 3.35 14.28
CA PHE A 182 6.37 2.88 15.65
C PHE A 182 7.00 3.86 16.59
N LYS A 183 7.96 4.62 16.08
CA LYS A 183 8.66 5.63 16.87
C LYS A 183 7.71 6.80 17.14
N LEU A 184 6.87 7.13 16.16
CA LEU A 184 5.88 8.17 16.39
C LEU A 184 4.81 7.72 17.44
N LEU A 185 4.68 6.43 17.73
CA LEU A 185 3.76 5.99 18.79
C LEU A 185 4.34 6.12 20.19
N GLN A 186 5.67 6.21 20.32
CA GLN A 186 6.33 6.26 21.63
C GLN A 186 5.77 7.31 22.58
N GLU A 187 5.42 8.48 22.07
CA GLU A 187 4.84 9.55 22.88
C GLU A 187 3.33 9.38 23.21
N GLU A 188 2.96 9.57 24.48
CA GLU A 188 1.57 9.41 25.00
C GLU A 188 0.50 10.26 24.28
N HIS A 189 0.85 11.50 23.95
CA HIS A 189 0.00 12.41 23.17
C HIS A 189 -0.35 11.90 21.74
N CME A 190 0.10 10.71 21.35
CA CME A 190 0.17 10.19 20.03
CB CME A 190 1.53 10.53 19.39
SG CME A 190 1.49 12.20 18.86
SD CME A 190 2.51 12.59 17.15
CE CME A 190 4.16 11.98 17.35
CZ CME A 190 4.96 13.03 18.09
OH CME A 190 5.02 12.93 19.30
C CME A 190 0.04 8.69 20.08
O CME A 190 -0.16 8.13 19.01
N ASP A 191 0.02 8.02 21.24
CA ASP A 191 -0.06 6.54 21.25
C ASP A 191 -1.49 6.07 20.98
N ILE A 192 -1.88 6.02 19.72
CA ILE A 192 -3.23 5.60 19.38
C ILE A 192 -3.55 4.17 19.80
N PHE A 193 -2.57 3.36 20.20
CA PHE A 193 -2.84 1.99 20.66
C PHE A 193 -2.81 1.85 22.19
N MET A 194 -2.81 2.97 22.90
CA MET A 194 -2.72 3.02 24.37
C MET A 194 -3.69 2.09 25.15
N ASN A 195 -4.96 2.09 24.78
CA ASN A 195 -5.98 1.32 25.47
C ASN A 195 -6.19 -0.11 24.94
N LEU A 196 -5.22 -0.64 24.21
CA LEU A 196 -5.20 -2.06 23.82
C LEU A 196 -4.57 -2.83 24.96
N THR A 197 -5.04 -4.06 25.14
CA THR A 197 -4.39 -5.05 26.00
C THR A 197 -2.90 -5.13 25.66
N LYS A 198 -2.06 -5.53 26.61
CA LYS A 198 -0.62 -5.65 26.38
C LYS A 198 -0.31 -6.71 25.32
N LYS A 199 -1.03 -7.83 25.42
CA LYS A 199 -0.97 -8.89 24.44
C LYS A 199 -1.44 -8.47 23.05
N GLN A 200 -2.48 -7.64 22.96
CA GLN A 200 -2.96 -7.16 21.68
C GLN A 200 -1.96 -6.21 20.97
N ARG A 201 -1.23 -5.38 21.75
CA ARG A 201 -0.17 -4.53 21.19
C ARG A 201 0.98 -5.37 20.62
N GLN A 202 1.27 -6.52 21.26
CA GLN A 202 2.34 -7.44 20.81
C GLN A 202 1.96 -8.16 19.53
N THR A 203 0.71 -8.61 19.43
CA THR A 203 0.24 -9.27 18.21
C THR A 203 0.08 -8.24 17.09
N LEU A 204 -0.45 -7.06 17.41
CA LEU A 204 -0.65 -6.05 16.42
C LEU A 204 0.72 -5.68 15.85
N ARG A 205 1.70 -5.46 16.73
CA ARG A 205 3.07 -5.14 16.34
C ARG A 205 3.70 -6.28 15.51
N LYS A 206 3.50 -7.53 15.91
CA LYS A 206 4.06 -8.63 15.12
C LYS A 206 3.42 -8.67 13.73
N MET A 207 2.12 -8.41 13.66
CA MET A 207 1.39 -8.42 12.40
C MET A 207 1.74 -7.27 11.48
N VAL A 208 1.84 -6.04 12.02
CA VAL A 208 2.21 -4.87 11.22
C VAL A 208 3.63 -5.01 10.64
N ILE A 209 4.57 -5.46 11.47
CA ILE A 209 5.93 -5.70 11.04
C ILE A 209 5.91 -6.65 9.85
N ASP A 210 5.16 -7.74 10.01
CA ASP A 210 5.07 -8.77 8.98
C ASP A 210 4.50 -8.22 7.66
N MET A 211 3.36 -7.54 7.74
CA MET A 211 2.75 -6.94 6.54
C MET A 211 3.61 -5.87 5.82
N VAL A 212 4.30 -4.99 6.56
CA VAL A 212 5.10 -3.95 5.87
C VAL A 212 6.36 -4.51 5.26
N LEU A 213 7.05 -5.39 5.98
CA LEU A 213 8.20 -6.10 5.41
C LEU A 213 7.79 -6.84 4.13
N ALA A 214 6.55 -7.33 4.10
CA ALA A 214 6.05 -7.98 2.89
C ALA A 214 5.84 -7.07 1.66
N THR A 215 5.91 -5.73 1.83
CA THR A 215 5.84 -4.84 0.66
C THR A 215 7.16 -4.68 -0.03
N ASP A 216 8.22 -5.29 0.49
CA ASP A 216 9.53 -5.20 -0.15
C ASP A 216 9.42 -6.03 -1.41
N MET A 217 9.63 -5.41 -2.56
CA MET A 217 9.35 -6.06 -3.82
C MET A 217 10.23 -7.22 -4.17
N SER A 218 11.37 -7.33 -3.52
CA SER A 218 12.21 -8.50 -3.68
C SER A 218 11.67 -9.78 -2.97
N LYS A 219 10.51 -9.66 -2.32
CA LYS A 219 9.77 -10.77 -1.74
C LYS A 219 8.51 -11.13 -2.55
N HIS A 220 8.36 -10.51 -3.72
CA HIS A 220 7.15 -10.61 -4.50
C HIS A 220 6.93 -12.07 -4.89
N MET A 221 7.93 -12.66 -5.53
CA MET A 221 7.85 -14.04 -6.00
C MET A 221 7.57 -15.01 -4.86
N SER A 222 8.27 -14.84 -3.75
CA SER A 222 8.03 -15.67 -2.58
C SER A 222 6.58 -15.58 -2.09
N LEU A 223 5.98 -14.42 -2.25
CA LEU A 223 4.61 -14.16 -1.79
C LEU A 223 3.61 -14.71 -2.80
N LEU A 224 3.96 -14.67 -4.08
CA LEU A 224 3.08 -15.12 -5.14
C LEU A 224 2.97 -16.64 -5.05
N ALA A 225 4.12 -17.29 -4.93
CA ALA A 225 4.18 -18.74 -4.74
C ALA A 225 3.29 -19.17 -3.57
N ASP A 226 3.42 -18.53 -2.40
CA ASP A 226 2.62 -18.94 -1.24
C ASP A 226 1.12 -18.70 -1.41
N LEU A 227 0.77 -17.66 -2.14
CA LEU A 227 -0.61 -17.34 -2.41
C LEU A 227 -1.20 -18.41 -3.34
N LYS A 228 -0.41 -18.87 -4.30
CA LYS A 228 -0.82 -19.96 -5.20
C LYS A 228 -1.12 -21.28 -4.48
N THR A 229 -0.29 -21.59 -3.49
CA THR A 229 -0.43 -22.77 -2.63
C THR A 229 -1.70 -22.76 -1.81
N MET A 230 -2.15 -21.58 -1.43
CA MET A 230 -3.35 -21.42 -0.63
C MET A 230 -4.62 -21.45 -1.49
N VAL A 231 -4.51 -21.03 -2.75
CA VAL A 231 -5.59 -21.15 -3.73
C VAL A 231 -5.84 -22.64 -3.97
N GLU A 232 -4.74 -23.36 -4.18
CA GLU A 232 -4.77 -24.80 -4.48
C GLU A 232 -5.22 -25.68 -3.31
N THR A 233 -5.37 -25.11 -2.12
CA THR A 233 -5.82 -25.90 -0.98
C THR A 233 -6.95 -25.17 -0.23
N LYS A 234 -7.72 -24.36 -0.94
CA LYS A 234 -8.70 -23.50 -0.28
C LYS A 234 -9.98 -24.24 0.15
N LYS A 235 -10.42 -23.92 1.36
CA LYS A 235 -11.70 -24.37 1.88
C LYS A 235 -12.66 -23.17 1.90
N VAL A 236 -13.95 -23.43 2.19
CA VAL A 236 -15.01 -22.42 2.13
C VAL A 236 -16.15 -22.67 3.15
N THR A 237 -17.34 -22.12 2.89
CA THR A 237 -18.59 -22.45 3.60
C THR A 237 -19.67 -22.86 2.58
N GLY A 240 -20.38 -18.98 1.21
CA GLY A 240 -19.18 -19.15 0.41
C GLY A 240 -18.04 -18.27 0.92
N VAL A 241 -17.60 -18.55 2.14
CA VAL A 241 -16.55 -17.77 2.83
C VAL A 241 -15.37 -18.67 3.17
N LEU A 242 -14.16 -18.14 3.05
CA LEU A 242 -12.91 -18.89 3.15
C LEU A 242 -12.59 -19.43 4.54
N LEU A 243 -11.97 -20.61 4.57
CA LEU A 243 -11.53 -21.23 5.81
C LEU A 243 -10.04 -21.01 5.96
N LEU A 244 -9.66 -20.34 7.04
CA LEU A 244 -8.27 -20.16 7.40
C LEU A 244 -8.08 -20.73 8.81
N ASP A 245 -7.27 -21.78 8.90
CA ASP A 245 -7.24 -22.63 10.09
C ASP A 245 -6.59 -21.91 11.27
N ASN A 246 -5.40 -21.37 11.03
CA ASN A 246 -4.58 -20.76 12.08
C ASN A 246 -4.00 -19.42 11.64
N TYR A 247 -3.23 -18.80 12.53
CA TYR A 247 -2.57 -17.53 12.25
C TYR A 247 -1.74 -17.57 10.95
N THR A 248 -0.92 -18.60 10.73
CA THR A 248 -0.07 -18.63 9.53
C THR A 248 -0.87 -18.44 8.25
N ASP A 249 -2.09 -18.95 8.23
CA ASP A 249 -2.96 -18.79 7.07
C ASP A 249 -3.52 -17.38 6.97
N ARG A 250 -4.02 -16.87 8.09
CA ARG A 250 -4.65 -15.57 8.11
C ARG A 250 -3.66 -14.44 7.76
N ILE A 251 -2.47 -14.43 8.38
CA ILE A 251 -1.45 -13.39 8.10
C ILE A 251 -0.82 -13.53 6.71
N GLN A 252 -0.96 -14.69 6.09
CA GLN A 252 -0.43 -14.89 4.74
C GLN A 252 -1.34 -14.28 3.69
N VAL A 253 -2.63 -14.24 4.00
CA VAL A 253 -3.63 -13.58 3.15
C VAL A 253 -3.45 -12.07 3.33
N LEU A 254 -3.30 -11.63 4.57
CA LEU A 254 -3.15 -10.21 4.92
C LEU A 254 -1.87 -9.60 4.32
N ARG A 255 -0.76 -10.34 4.32
CA ARG A 255 0.47 -9.93 3.62
C ARG A 255 0.18 -9.74 2.14
N ASN A 256 -0.53 -10.68 1.55
CA ASN A 256 -0.77 -10.62 0.10
C ASN A 256 -1.79 -9.53 -0.23
N MET A 257 -2.73 -9.27 0.71
CA MET A 257 -3.71 -8.19 0.56
C MET A 257 -3.08 -6.84 0.43
N VAL A 258 -2.22 -6.51 1.40
CA VAL A 258 -1.52 -5.22 1.45
C VAL A 258 -0.52 -5.10 0.28
N HIS A 259 0.04 -6.23 -0.16
CA HIS A 259 0.96 -6.20 -1.29
C HIS A 259 0.15 -5.88 -2.54
N CYS A 260 -1.05 -6.47 -2.62
CA CYS A 260 -1.96 -6.23 -3.74
C CYS A 260 -2.39 -4.76 -3.75
N ALA A 261 -2.80 -4.27 -2.58
CA ALA A 261 -3.10 -2.85 -2.39
C ALA A 261 -1.96 -1.94 -2.80
N ASP A 262 -0.75 -2.23 -2.36
CA ASP A 262 0.42 -1.51 -2.82
C ASP A 262 0.57 -1.47 -4.35
N LEU A 263 0.39 -2.61 -4.98
CA LEU A 263 0.51 -2.79 -6.41
C LEU A 263 -0.87 -2.81 -7.10
N SER A 264 -1.77 -1.92 -6.69
CA SER A 264 -3.12 -1.87 -7.28
C SER A 264 -3.35 -0.70 -8.23
N ASN A 265 -2.41 0.22 -8.36
CA ASN A 265 -2.57 1.34 -9.28
C ASN A 265 -3.15 0.97 -10.67
N PRO A 266 -2.64 -0.09 -11.30
CA PRO A 266 -3.07 -0.43 -12.67
C PRO A 266 -4.39 -1.16 -12.74
N THR A 267 -5.00 -1.41 -11.60
CA THR A 267 -6.30 -2.03 -11.57
C THR A 267 -7.34 -0.97 -11.28
N LYS A 268 -6.91 0.29 -11.18
CA LYS A 268 -7.83 1.38 -10.93
C LYS A 268 -8.36 1.83 -12.29
N SER A 269 -9.40 2.66 -12.29
CA SER A 269 -9.89 3.19 -13.55
C SER A 269 -8.79 3.98 -14.25
N LEU A 270 -8.73 3.86 -15.57
CA LEU A 270 -7.64 4.40 -16.35
C LEU A 270 -7.27 5.86 -16.00
N GLU A 271 -8.24 6.73 -15.76
CA GLU A 271 -7.95 8.13 -15.37
C GLU A 271 -6.99 8.23 -14.16
N LEU A 272 -7.25 7.45 -13.10
CA LEU A 272 -6.36 7.40 -11.92
C LEU A 272 -5.02 6.69 -12.25
N TYR A 273 -5.08 5.52 -12.88
CA TYR A 273 -3.89 4.81 -13.23
C TYR A 273 -2.86 5.67 -13.98
N ARG A 274 -3.30 6.59 -14.81
CA ARG A 274 -2.35 7.36 -15.63
C ARG A 274 -1.65 8.43 -14.80
N GLN A 275 -2.37 8.94 -13.80
CA GLN A 275 -1.75 9.89 -12.87
C GLN A 275 -0.70 9.18 -12.01
N TRP A 276 -1.01 7.96 -11.54
CA TRP A 276 -0.05 7.15 -10.78
C TRP A 276 1.18 6.79 -11.68
N THR A 277 0.93 6.32 -12.88
CA THR A 277 2.02 6.07 -13.82
C THR A 277 2.91 7.29 -13.98
N ASP A 278 2.30 8.44 -14.21
CA ASP A 278 3.08 9.67 -14.31
C ASP A 278 3.89 10.03 -13.05
N ARG A 279 3.37 9.74 -11.86
CA ARG A 279 4.11 10.03 -10.64
C ARG A 279 5.32 9.10 -10.46
N ILE A 280 5.08 7.80 -10.62
CA ILE A 280 6.07 6.78 -10.31
C ILE A 280 7.25 6.94 -11.24
N MET A 281 6.94 7.26 -12.49
CA MET A 281 7.94 7.46 -13.55
C MET A 281 8.75 8.73 -13.40
N GLU A 282 8.13 9.82 -12.94
CA GLU A 282 8.90 11.00 -12.58
C GLU A 282 9.91 10.68 -11.49
N GLU A 283 9.47 9.92 -10.50
CA GLU A 283 10.33 9.50 -9.43
C GLU A 283 11.48 8.62 -9.91
N PHE A 284 11.18 7.63 -10.73
CA PHE A 284 12.17 6.73 -11.26
C PHE A 284 13.18 7.46 -12.17
N PHE A 285 12.71 8.37 -13.02
CA PHE A 285 13.62 9.16 -13.85
C PHE A 285 14.43 10.13 -13.00
N GLN A 286 13.89 10.58 -11.87
CA GLN A 286 14.59 11.48 -10.94
C GLN A 286 15.81 10.75 -10.35
N GLN A 287 15.66 9.45 -10.15
CA GLN A 287 16.66 8.59 -9.55
C GLN A 287 17.74 8.22 -10.53
N GLY A 288 17.37 8.04 -11.81
CA GLY A 288 18.33 7.71 -12.85
C GLY A 288 19.25 8.88 -13.11
N ASP A 289 18.69 10.08 -12.99
CA ASP A 289 19.44 11.33 -13.03
C ASP A 289 20.46 11.33 -11.85
N LYS A 290 20.05 10.90 -10.65
CA LYS A 290 20.96 10.85 -9.48
C LYS A 290 22.08 9.82 -9.67
N GLU A 291 21.73 8.73 -10.38
CA GLU A 291 22.70 7.70 -10.79
C GLU A 291 23.71 8.24 -11.87
N ARG A 292 23.22 9.09 -12.78
CA ARG A 292 24.05 9.66 -13.85
C ARG A 292 25.07 10.66 -13.30
N GLU A 293 24.58 11.62 -12.49
CA GLU A 293 25.40 12.54 -11.71
C GLU A 293 26.59 11.85 -11.02
N ARG A 294 26.45 10.58 -10.68
CA ARG A 294 27.42 9.88 -9.85
C ARG A 294 28.24 8.79 -10.56
N GLY A 295 27.97 8.60 -11.85
CA GLY A 295 28.71 7.65 -12.66
C GLY A 295 28.38 6.17 -12.49
N MET A 296 27.36 5.85 -11.71
CA MET A 296 26.99 4.44 -11.58
C MET A 296 26.16 4.05 -12.79
N GLU A 297 26.01 2.75 -13.01
CA GLU A 297 25.23 2.24 -14.13
C GLU A 297 23.75 2.56 -13.86
N ILE A 298 23.02 2.96 -14.91
CA ILE A 298 21.59 3.29 -14.83
C ILE A 298 20.78 2.11 -15.35
N SER A 299 19.79 1.66 -14.59
CA SER A 299 18.97 0.53 -15.02
C SER A 299 18.00 1.05 -16.09
N PRO A 300 17.85 0.30 -17.18
CA PRO A 300 17.10 0.76 -18.36
C PRO A 300 15.79 1.50 -18.07
N MET A 301 15.09 1.09 -17.02
CA MET A 301 13.73 1.54 -16.74
C MET A 301 13.56 2.89 -16.04
N CME A 302 14.61 3.64 -15.75
CA CME A 302 14.82 4.69 -14.82
CB CME A 302 15.63 4.50 -13.54
SG CME A 302 15.35 3.08 -12.50
SD CME A 302 13.86 3.00 -11.22
CE CME A 302 14.45 2.73 -9.58
CZ CME A 302 13.55 1.71 -8.95
OH CME A 302 13.61 0.57 -9.37
C CME A 302 15.70 5.56 -15.69
O CME A 302 16.00 6.68 -15.28
N ASP A 303 15.92 5.17 -16.95
CA ASP A 303 16.62 6.00 -17.94
C ASP A 303 15.65 6.88 -18.73
N LYS A 304 15.59 8.17 -18.40
CA LYS A 304 14.65 9.05 -19.13
C LYS A 304 14.97 9.24 -20.62
N HIS A 305 16.19 8.94 -21.06
CA HIS A 305 16.56 9.10 -22.48
C HIS A 305 16.18 7.95 -23.37
N THR A 306 15.98 6.77 -22.79
CA THR A 306 15.80 5.55 -23.55
C THR A 306 14.46 4.90 -23.35
N ALA A 307 13.94 4.99 -22.12
CA ALA A 307 12.83 4.18 -21.68
C ALA A 307 11.47 4.65 -22.16
N SER A 308 10.71 3.66 -22.65
CA SER A 308 9.31 3.83 -22.99
C SER A 308 8.43 3.65 -21.74
N VAL A 309 7.73 4.71 -21.36
CA VAL A 309 6.81 4.67 -20.23
C VAL A 309 5.76 3.59 -20.46
N GLU A 310 5.29 3.53 -21.70
CA GLU A 310 4.15 2.72 -22.11
C GLU A 310 4.53 1.24 -22.11
N LYS A 311 5.72 0.91 -22.61
CA LYS A 311 6.14 -0.49 -22.68
C LYS A 311 6.51 -1.01 -21.30
N SER A 312 7.10 -0.14 -20.50
CA SER A 312 7.45 -0.52 -19.16
C SER A 312 6.15 -0.77 -18.31
N GLN A 313 5.05 -0.08 -18.58
CA GLN A 313 3.79 -0.38 -17.88
C GLN A 313 3.19 -1.71 -18.33
N VAL A 314 3.36 -2.06 -19.60
CA VAL A 314 2.85 -3.32 -20.13
C VAL A 314 3.60 -4.47 -19.47
N GLY A 315 4.94 -4.34 -19.43
CA GLY A 315 5.81 -5.30 -18.78
C GLY A 315 5.54 -5.42 -17.29
N PHE A 316 5.40 -4.28 -16.64
CA PHE A 316 5.01 -4.25 -15.24
C PHE A 316 3.73 -5.04 -15.02
N ILE A 317 2.74 -4.84 -15.89
CA ILE A 317 1.48 -5.59 -15.80
C ILE A 317 1.62 -7.09 -16.09
N ASP A 318 2.30 -7.47 -17.16
CA ASP A 318 2.30 -8.89 -17.57
C ASP A 318 3.14 -9.78 -16.65
N TYR A 319 4.23 -9.23 -16.12
CA TYR A 319 5.21 -10.00 -15.35
C TYR A 319 5.02 -9.86 -13.84
N ILE A 320 4.30 -8.86 -13.37
CA ILE A 320 4.16 -8.69 -11.92
C ILE A 320 2.71 -8.50 -11.49
N VAL A 321 2.03 -7.48 -12.02
CA VAL A 321 0.73 -7.10 -11.48
C VAL A 321 -0.41 -8.08 -11.82
N HIS A 322 -0.46 -8.53 -13.07
CA HIS A 322 -1.51 -9.45 -13.51
C HIS A 322 -1.34 -10.84 -12.90
N PRO A 323 -0.16 -11.44 -12.97
CA PRO A 323 0.08 -12.71 -12.27
C PRO A 323 -0.39 -12.72 -10.82
N LEU A 324 -0.19 -11.60 -10.13
CA LEU A 324 -0.58 -11.43 -8.72
C LEU A 324 -2.08 -11.25 -8.51
N TRP A 325 -2.69 -10.40 -9.31
CA TRP A 325 -4.11 -10.10 -9.18
C TRP A 325 -5.02 -11.19 -9.77
N GLU A 326 -4.50 -11.96 -10.71
CA GLU A 326 -5.22 -13.14 -11.24
C GLU A 326 -5.32 -14.19 -10.15
N THR A 327 -4.21 -14.38 -9.43
CA THR A 327 -4.14 -15.28 -8.28
C THR A 327 -5.00 -14.79 -7.12
N TRP A 328 -4.97 -13.49 -6.81
CA TRP A 328 -5.84 -12.94 -5.77
C TRP A 328 -7.30 -13.13 -6.19
N ALA A 329 -7.61 -12.76 -7.43
CA ALA A 329 -8.91 -13.04 -8.07
C ALA A 329 -9.35 -14.49 -7.91
N ASP A 330 -8.43 -15.43 -8.12
CA ASP A 330 -8.73 -16.85 -7.95
C ASP A 330 -9.19 -17.09 -6.53
N LEU A 331 -8.46 -16.54 -5.56
CA LEU A 331 -8.73 -16.78 -4.15
C LEU A 331 -10.04 -16.21 -3.66
N VAL A 332 -10.57 -15.21 -4.33
CA VAL A 332 -11.77 -14.57 -3.80
C VAL A 332 -12.93 -14.63 -4.78
N GLN A 333 -12.76 -15.38 -5.87
CA GLN A 333 -13.73 -15.37 -6.98
C GLN A 333 -15.14 -15.57 -6.50
N PRO A 334 -16.08 -14.86 -7.12
CA PRO A 334 -15.82 -13.97 -8.26
C PRO A 334 -15.55 -12.49 -7.88
N ASP A 335 -15.28 -12.23 -6.59
CA ASP A 335 -15.34 -10.86 -6.04
C ASP A 335 -14.45 -9.88 -6.75
N ALA A 336 -13.34 -10.37 -7.28
CA ALA A 336 -12.32 -9.54 -7.88
C ALA A 336 -12.32 -9.52 -9.42
N GLN A 337 -13.30 -10.17 -10.05
CA GLN A 337 -13.37 -10.25 -11.51
C GLN A 337 -13.48 -8.87 -12.17
N ASP A 338 -14.20 -7.97 -11.51
CA ASP A 338 -14.28 -6.59 -11.94
C ASP A 338 -12.92 -5.93 -12.03
N ILE A 339 -12.14 -6.09 -10.98
CA ILE A 339 -10.80 -5.52 -10.93
C ILE A 339 -9.94 -6.14 -12.04
N LEU A 340 -10.09 -7.44 -12.27
CA LEU A 340 -9.27 -8.14 -13.25
C LEU A 340 -9.57 -7.66 -14.68
N ASP A 341 -10.83 -7.41 -14.99
CA ASP A 341 -11.20 -6.92 -16.33
C ASP A 341 -10.56 -5.58 -16.64
N THR A 342 -10.67 -4.64 -15.69
CA THR A 342 -10.09 -3.29 -15.76
C THR A 342 -8.60 -3.34 -15.91
N LEU A 343 -7.98 -4.24 -15.14
CA LEU A 343 -6.54 -4.40 -15.18
C LEU A 343 -6.18 -4.73 -16.63
N GLU A 344 -6.86 -5.73 -17.18
CA GLU A 344 -6.64 -6.19 -18.54
C GLU A 344 -6.95 -5.11 -19.58
N ASP A 345 -8.03 -4.36 -19.38
CA ASP A 345 -8.39 -3.25 -20.25
C ASP A 345 -7.28 -2.23 -20.30
N ASN A 346 -6.79 -1.81 -19.12
CA ASN A 346 -5.74 -0.79 -19.00
C ASN A 346 -4.44 -1.25 -19.62
N ARG A 347 -4.16 -2.53 -19.41
CA ARG A 347 -3.01 -3.18 -20.01
C ARG A 347 -3.04 -3.07 -21.52
N ASN A 348 -4.22 -3.29 -22.11
CA ASN A 348 -4.39 -3.24 -23.56
C ASN A 348 -4.33 -1.79 -24.05
N TRP A 349 -4.88 -0.87 -23.28
CA TRP A 349 -4.76 0.53 -23.60
C TRP A 349 -3.31 0.98 -23.73
N TYR A 350 -2.45 0.54 -22.80
CA TYR A 350 -1.06 0.98 -22.80
C TYR A 350 -0.29 0.31 -23.96
N GLN A 351 -0.67 -0.93 -24.28
CA GLN A 351 -0.05 -1.70 -25.34
C GLN A 351 -0.33 -0.95 -26.63
N SER A 352 -1.61 -0.62 -26.87
CA SER A 352 -2.03 0.27 -27.95
C SER A 352 -1.89 1.74 -27.53
N MET A 353 -0.65 2.10 -27.20
CA MET A 353 -0.15 3.46 -27.17
C MET A 353 1.31 3.42 -27.61
N ILE A 354 1.84 2.19 -27.78
CA ILE A 354 3.16 1.92 -28.35
C ILE A 354 3.07 1.90 -29.87
N PRO A 355 3.94 2.64 -30.57
CA PRO A 355 4.08 2.47 -32.02
C PRO A 355 4.76 1.16 -32.42
ZN ZN B . 4.02 1.51 -1.39
MG MG C . 7.33 0.33 -0.15
S SO4 D . 14.65 -2.30 -5.76
O1 SO4 D . 14.68 -3.72 -6.14
O2 SO4 D . 15.17 -2.10 -4.42
O3 SO4 D . 15.52 -1.56 -6.68
O4 SO4 D . 13.25 -1.84 -5.85
C34 VIA E . 8.13 -0.20 -14.17
C33 VIA E . 6.76 -0.17 -13.56
C32 VIA E . 6.38 1.23 -13.20
C30 VIA E . 5.30 1.32 -12.21
N29 VIA E . 4.06 1.85 -12.35
N28 VIA E . 3.39 1.73 -11.20
C31 VIA E . 2.03 2.21 -11.04
C24 VIA E . 4.20 1.10 -10.23
C23 VIA E . 4.01 0.70 -8.83
O27 VIA E . 2.99 0.87 -8.15
N22 VIA E . 5.15 0.05 -8.28
C21 VIA E . 6.34 -0.16 -9.03
N26 VIA E . 6.50 0.19 -10.29
C25 VIA E . 5.44 0.81 -10.88
C9 VIA E . 7.53 -0.84 -8.41
C8 VIA E . 8.24 -1.73 -9.22
C7 VIA E . 9.38 -2.41 -8.77
C6 VIA E . 9.79 -2.15 -7.45
C5 VIA E . 9.11 -1.25 -6.61
C4 VIA E . 7.96 -0.57 -7.08
O3 VIA E . 7.20 0.35 -6.38
C2 VIA E . 7.29 0.48 -4.96
C1 VIA E . 6.59 -0.72 -4.35
S10 VIA E . 10.22 -3.52 -9.79
O11 VIA E . 9.41 -3.78 -10.91
O12 VIA E . 10.59 -4.63 -9.00
N14 VIA E . 11.56 -2.73 -10.32
C19 VIA E . 11.47 -1.50 -11.09
C18 VIA E . 12.69 -1.19 -11.99
N17 VIA E . 13.96 -1.35 -11.30
C20 VIA E . 15.12 -0.98 -12.09
C16 VIA E . 14.08 -2.64 -10.68
C15 VIA E . 12.88 -2.96 -9.75
#